data_9CMT
#
_entry.id   9CMT
#
_cell.length_a   112.961
_cell.length_b   112.961
_cell.length_c   154.687
_cell.angle_alpha   90.000
_cell.angle_beta   90.000
_cell.angle_gamma   90.000
#
_symmetry.space_group_name_H-M   'P 41 21 2'
#
loop_
_entity.id
_entity.type
_entity.pdbx_description
1 polymer 'Chromobox protein homolog 5'
2 polymer Agnoprotein
3 non-polymer "3',6'-DIHYDROXY-3-OXO-3H-SPIRO[2-BENZOFURAN-1,9'-XANTHENE]-5-CARBOXYLIC ACID"
#
loop_
_entity_poly.entity_id
_entity_poly.type
_entity_poly.pdbx_seq_one_letter_code
_entity_poly.pdbx_strand_id
1 'polypeptide(L)' EIARGFERGLEPEKIIGATDSSGDLMFLMKWKDSDEADLVLAKEANVKCPQIVIAFYEERLTWHA A,B,D,E
2 'polypeptide(L)' RQLSRKASVKVSKTWS C,F
#
loop_
_chem_comp.id
_chem_comp.type
_chem_comp.name
_chem_comp.formula
F6Z non-polymer '3',6'-DIHYDROXY-3-OXO-3H-SPIRO[2-BENZOFURAN-1,9'-XANTHENE]-5-CARBOXYLIC ACID' 'C21 H12 O7'
#
# COMPACT_ATOMS: atom_id res chain seq x y z
N GLU A 1 23.75 -16.71 -5.95
CA GLU A 1 24.26 -17.89 -5.26
C GLU A 1 25.79 -17.88 -5.24
N ILE A 2 26.38 -18.13 -6.41
CA ILE A 2 27.84 -18.14 -6.52
C ILE A 2 28.40 -16.72 -6.42
N ALA A 3 27.86 -15.79 -7.19
CA ALA A 3 28.49 -14.49 -7.41
C ALA A 3 27.49 -13.33 -7.35
N ARG A 4 26.70 -13.24 -6.27
CA ARG A 4 25.57 -12.31 -6.23
C ARG A 4 25.81 -11.16 -5.27
N GLY A 5 25.09 -10.06 -5.53
CA GLY A 5 24.97 -8.96 -4.59
C GLY A 5 26.19 -8.07 -4.41
N PHE A 6 26.40 -7.68 -3.15
CA PHE A 6 27.55 -6.92 -2.72
C PHE A 6 28.84 -7.73 -2.78
N GLU A 7 28.74 -9.07 -2.82
CA GLU A 7 29.95 -9.89 -2.77
C GLU A 7 30.81 -9.71 -4.01
N ARG A 8 30.21 -9.34 -5.14
CA ARG A 8 30.94 -9.04 -6.36
C ARG A 8 31.97 -7.93 -6.16
N GLY A 9 31.93 -7.23 -5.02
CA GLY A 9 32.98 -6.32 -4.63
C GLY A 9 33.11 -5.06 -5.44
N LEU A 10 32.11 -4.70 -6.24
CA LEU A 10 32.15 -3.45 -6.98
C LEU A 10 31.61 -2.33 -6.12
N GLU A 11 32.01 -1.11 -6.46
CA GLU A 11 31.47 0.06 -5.78
C GLU A 11 30.12 0.42 -6.38
N PRO A 12 29.08 0.61 -5.56
CA PRO A 12 27.74 0.89 -6.08
C PRO A 12 27.65 2.26 -6.73
N GLU A 13 26.98 2.30 -7.89
CA GLU A 13 26.78 3.52 -8.65
C GLU A 13 25.46 4.20 -8.34
N LYS A 14 24.34 3.51 -8.59
CA LYS A 14 23.03 4.08 -8.30
C LYS A 14 22.02 2.96 -8.09
N ILE A 15 20.92 3.28 -7.41
CA ILE A 15 19.80 2.35 -7.26
C ILE A 15 18.82 2.66 -8.37
N ILE A 16 18.43 1.63 -9.11
CA ILE A 16 17.55 1.83 -10.27
C ILE A 16 16.15 1.34 -10.01
N GLY A 17 15.93 0.58 -8.94
CA GLY A 17 14.59 0.17 -8.55
C GLY A 17 14.59 -0.39 -7.15
N ALA A 18 13.38 -0.64 -6.64
CA ALA A 18 13.22 -1.22 -5.31
C ALA A 18 11.94 -2.05 -5.28
N THR A 19 11.91 -3.05 -4.40
CA THR A 19 10.81 -4.01 -4.30
C THR A 19 10.75 -4.60 -2.90
N ASP A 20 9.54 -4.80 -2.38
CA ASP A 20 9.35 -5.51 -1.11
C ASP A 20 8.61 -6.85 -1.27
N SER A 21 8.53 -7.37 -2.49
CA SER A 21 7.66 -8.51 -2.77
C SER A 21 8.05 -9.76 -2.00
N SER A 22 9.35 -9.93 -1.70
CA SER A 22 9.79 -11.07 -0.89
C SER A 22 9.18 -11.02 0.49
N GLY A 23 9.42 -9.92 1.21
CA GLY A 23 9.02 -9.78 2.59
C GLY A 23 9.95 -8.80 3.25
N ASP A 24 11.05 -8.50 2.59
CA ASP A 24 11.97 -7.47 3.03
C ASP A 24 12.27 -6.56 1.84
N LEU A 25 12.57 -5.31 2.14
CA LEU A 25 12.80 -4.32 1.10
C LEU A 25 14.18 -4.53 0.50
N MET A 26 14.25 -4.54 -0.84
CA MET A 26 15.48 -4.73 -1.60
C MET A 26 15.56 -3.63 -2.65
N PHE A 27 16.79 -3.20 -2.94
CA PHE A 27 17.07 -2.30 -4.04
C PHE A 27 17.68 -3.06 -5.20
N LEU A 28 17.26 -2.72 -6.42
CA LEU A 28 17.96 -3.14 -7.64
C LEU A 28 19.14 -2.20 -7.85
N MET A 29 20.34 -2.70 -7.54
CA MET A 29 21.55 -1.88 -7.54
C MET A 29 22.29 -2.02 -8.86
N LYS A 30 22.48 -0.90 -9.55
CA LYS A 30 23.40 -0.78 -10.67
C LYS A 30 24.75 -0.38 -10.13
N TRP A 31 25.78 -1.11 -10.52
CA TRP A 31 27.13 -0.85 -10.02
C TRP A 31 27.96 -0.13 -11.08
N LYS A 32 29.02 0.54 -10.60
CA LYS A 32 29.91 1.28 -11.49
C LYS A 32 30.73 0.30 -12.31
N ASP A 33 30.86 0.58 -13.61
CA ASP A 33 31.67 -0.23 -14.54
C ASP A 33 31.19 -1.67 -14.62
N SER A 34 29.89 -1.88 -14.49
CA SER A 34 29.22 -3.12 -14.84
C SER A 34 27.88 -2.71 -15.42
N ASP A 35 27.27 -3.59 -16.18
CA ASP A 35 25.95 -3.26 -16.68
C ASP A 35 24.90 -4.32 -16.41
N GLU A 36 25.20 -5.34 -15.62
CA GLU A 36 24.18 -6.21 -15.09
C GLU A 36 23.94 -5.83 -13.63
N ALA A 37 22.72 -5.37 -13.33
CA ALA A 37 22.32 -4.98 -12.00
C ALA A 37 21.68 -6.16 -11.30
N ASP A 38 21.88 -6.23 -9.97
CA ASP A 38 21.31 -7.29 -9.13
C ASP A 38 20.65 -6.68 -7.88
N LEU A 39 20.04 -7.54 -7.06
CA LEU A 39 19.34 -7.11 -5.86
C LEU A 39 20.20 -7.16 -4.61
N VAL A 40 19.97 -6.21 -3.70
CA VAL A 40 20.59 -6.17 -2.39
C VAL A 40 19.52 -5.91 -1.34
N LEU A 41 19.73 -6.46 -0.14
CA LEU A 41 18.85 -6.15 0.98
C LEU A 41 18.98 -4.70 1.36
N ALA A 42 17.84 -4.05 1.62
CA ALA A 42 17.87 -2.64 1.97
C ALA A 42 18.67 -2.39 3.24
N LYS A 43 18.61 -3.30 4.21
CA LYS A 43 19.37 -3.08 5.44
C LYS A 43 20.85 -2.94 5.14
N GLU A 44 21.34 -3.75 4.21
CA GLU A 44 22.75 -3.69 3.86
C GLU A 44 23.06 -2.40 3.11
N ALA A 45 22.25 -2.09 2.10
CA ALA A 45 22.49 -0.89 1.31
C ALA A 45 22.41 0.36 2.18
N ASN A 46 21.50 0.36 3.17
CA ASN A 46 21.41 1.49 4.08
C ASN A 46 22.71 1.69 4.85
N VAL A 47 23.32 0.60 5.31
CA VAL A 47 24.55 0.79 6.07
C VAL A 47 25.79 0.98 5.17
N LYS A 48 25.86 0.31 3.99
CA LYS A 48 27.08 0.29 3.18
C LYS A 48 27.21 1.50 2.28
N CYS A 49 26.13 1.95 1.64
CA CYS A 49 26.19 3.17 0.82
C CYS A 49 25.04 4.12 1.18
N PRO A 50 25.05 4.67 2.40
CA PRO A 50 23.93 5.50 2.86
C PRO A 50 23.57 6.66 1.97
N GLN A 51 24.53 7.24 1.25
CA GLN A 51 24.20 8.37 0.40
C GLN A 51 23.50 7.97 -0.88
N ILE A 52 23.76 6.76 -1.37
CA ILE A 52 23.05 6.29 -2.56
C ILE A 52 21.57 6.09 -2.25
N VAL A 53 21.25 5.47 -1.11
CA VAL A 53 19.85 5.31 -0.71
C VAL A 53 19.21 6.68 -0.48
N ILE A 54 19.89 7.58 0.25
CA ILE A 54 19.29 8.90 0.47
C ILE A 54 19.05 9.59 -0.87
N ALA A 55 20.01 9.48 -1.79
CA ALA A 55 19.88 10.03 -3.14
C ALA A 55 18.73 9.36 -3.91
N PHE A 56 18.56 8.05 -3.75
CA PHE A 56 17.47 7.36 -4.42
C PHE A 56 16.13 7.92 -4.00
N TYR A 57 15.91 8.05 -2.69
CA TYR A 57 14.63 8.54 -2.18
C TYR A 57 14.41 10.00 -2.55
N GLU A 58 15.49 10.80 -2.51
CA GLU A 58 15.35 12.25 -2.70
C GLU A 58 14.74 12.57 -4.07
N GLU A 59 15.16 11.86 -5.13
CA GLU A 59 14.53 12.04 -6.44
C GLU A 59 13.03 11.73 -6.45
N ARG A 60 12.54 10.89 -5.54
CA ARG A 60 11.19 10.31 -5.66
C ARG A 60 10.17 10.96 -4.73
N LEU A 61 10.48 12.13 -4.21
CA LEU A 61 9.58 12.88 -3.34
C LEU A 61 8.27 13.19 -4.04
N THR A 62 7.17 13.08 -3.29
CA THR A 62 5.81 13.32 -3.74
C THR A 62 5.17 14.08 -2.59
N TRP A 63 4.13 14.85 -2.85
CA TRP A 63 3.51 15.60 -1.78
C TRP A 63 2.02 15.26 -1.70
N HIS A 64 1.56 14.99 -0.48
CA HIS A 64 0.19 14.54 -0.27
C HIS A 64 -0.61 15.70 0.31
N ALA A 65 -1.94 15.62 0.16
CA ALA A 65 -2.86 16.68 0.59
C ALA A 65 -3.49 16.43 1.98
N ALA B 3 20.27 30.27 19.70
CA ALA B 3 21.04 29.04 19.93
C ALA B 3 20.26 27.76 19.54
N ARG B 4 19.80 27.67 18.30
CA ARG B 4 18.77 26.73 17.88
C ARG B 4 19.34 25.64 16.95
N GLY B 5 18.42 24.85 16.39
CA GLY B 5 18.70 23.94 15.30
C GLY B 5 19.59 22.75 15.58
N PHE B 6 20.39 22.41 14.57
CA PHE B 6 21.24 21.24 14.75
C PHE B 6 22.35 21.56 15.74
N GLU B 7 22.55 22.87 15.97
CA GLU B 7 23.68 23.41 16.73
C GLU B 7 23.63 23.00 18.20
N ARG B 8 22.44 22.77 18.75
CA ARG B 8 22.28 22.35 20.14
C ARG B 8 23.05 21.10 20.50
N GLY B 9 23.53 20.34 19.54
CA GLY B 9 24.38 19.25 19.95
C GLY B 9 23.66 18.10 20.57
N LEU B 10 22.35 17.97 20.35
CA LEU B 10 21.65 16.78 20.81
C LEU B 10 21.75 15.66 19.77
N GLU B 11 21.67 14.43 20.24
CA GLU B 11 21.66 13.32 19.32
C GLU B 11 20.27 13.20 18.71
N PRO B 12 20.12 13.17 17.40
CA PRO B 12 18.78 13.09 16.83
C PRO B 12 18.11 11.76 17.11
N GLU B 13 16.82 11.82 17.44
CA GLU B 13 15.98 10.64 17.71
C GLU B 13 15.12 10.20 16.53
N LYS B 14 14.22 11.06 16.03
CA LYS B 14 13.48 10.72 14.81
C LYS B 14 12.97 11.99 14.14
N ILE B 15 12.71 11.88 12.83
CA ILE B 15 12.14 12.94 12.01
C ILE B 15 10.64 12.71 11.89
N ILE B 16 9.85 13.74 12.17
CA ILE B 16 8.39 13.54 12.23
C ILE B 16 7.66 14.18 11.06
N GLY B 17 8.30 15.07 10.31
CA GLY B 17 7.72 15.60 9.10
C GLY B 17 8.79 16.36 8.34
N ALA B 18 8.45 16.71 7.10
CA ALA B 18 9.40 17.44 6.26
C ALA B 18 8.65 18.44 5.40
N THR B 19 9.35 19.50 5.04
CA THR B 19 8.76 20.60 4.28
C THR B 19 9.86 21.36 3.55
N ASP B 20 9.56 21.73 2.30
CA ASP B 20 10.45 22.56 1.50
C ASP B 20 9.94 23.98 1.31
N SER B 21 8.88 24.37 2.03
CA SER B 21 8.22 25.64 1.77
C SER B 21 9.11 26.83 2.09
N SER B 22 10.10 26.65 2.94
CA SER B 22 11.10 27.70 3.14
C SER B 22 11.95 27.95 1.91
N GLY B 23 11.91 27.07 0.91
CA GLY B 23 12.82 27.13 -0.21
C GLY B 23 13.91 26.09 -0.15
N ASP B 24 14.07 25.42 1.00
CA ASP B 24 14.99 24.32 1.19
C ASP B 24 14.26 23.17 1.87
N LEU B 25 14.75 21.94 1.67
CA LEU B 25 14.12 20.80 2.32
C LEU B 25 14.50 20.80 3.79
N MET B 26 13.49 20.66 4.67
CA MET B 26 13.64 20.79 6.11
C MET B 26 13.02 19.60 6.80
N PHE B 27 13.66 19.11 7.85
CA PHE B 27 13.14 18.05 8.69
C PHE B 27 12.72 18.59 10.06
N LEU B 28 11.57 18.14 10.54
CA LEU B 28 11.24 18.34 11.95
C LEU B 28 11.91 17.24 12.76
N MET B 29 12.98 17.61 13.45
CA MET B 29 13.80 16.66 14.19
C MET B 29 13.39 16.67 15.65
N LYS B 30 13.00 15.51 16.16
CA LYS B 30 12.88 15.28 17.58
C LYS B 30 14.23 14.75 18.09
N TRP B 31 14.76 15.36 19.13
CA TRP B 31 16.09 15.00 19.61
C TRP B 31 16.00 14.11 20.84
N LYS B 32 17.05 13.33 21.07
CA LYS B 32 17.07 12.48 22.24
C LYS B 32 17.25 13.34 23.47
N ASP B 33 16.48 13.04 24.52
CA ASP B 33 16.56 13.66 25.85
C ASP B 33 16.32 15.17 25.82
N SER B 34 15.52 15.64 24.88
CA SER B 34 14.94 16.97 24.93
C SER B 34 13.54 16.86 24.34
N ASP B 35 12.67 17.81 24.72
CA ASP B 35 11.29 17.81 24.24
C ASP B 35 10.91 19.08 23.50
N GLU B 36 11.87 19.96 23.17
CA GLU B 36 11.65 21.06 22.24
C GLU B 36 12.24 20.56 20.93
N ALA B 37 11.38 20.29 19.94
CA ALA B 37 11.83 19.87 18.62
C ALA B 37 11.86 21.09 17.69
N ASP B 38 12.87 21.17 16.84
CA ASP B 38 12.97 22.25 15.88
C ASP B 38 13.33 21.63 14.53
N LEU B 39 13.45 22.48 13.51
CA LEU B 39 13.74 22.08 12.14
C LEU B 39 15.24 22.03 11.84
N VAL B 40 15.60 21.15 10.90
CA VAL B 40 16.96 21.04 10.41
C VAL B 40 16.95 21.07 8.88
N LEU B 41 18.07 21.53 8.30
CA LEU B 41 18.29 21.45 6.85
C LEU B 41 18.47 20.00 6.41
N ALA B 42 17.78 19.63 5.32
CA ALA B 42 17.82 18.24 4.89
C ALA B 42 19.23 17.84 4.52
N LYS B 43 19.92 18.70 3.76
CA LYS B 43 21.27 18.38 3.30
C LYS B 43 22.21 18.14 4.47
N GLU B 44 22.01 18.88 5.56
CA GLU B 44 22.83 18.69 6.74
C GLU B 44 22.51 17.36 7.41
N ALA B 45 21.21 17.06 7.54
CA ALA B 45 20.79 15.81 8.17
C ALA B 45 21.34 14.60 7.43
N ASN B 46 21.37 14.68 6.08
CA ASN B 46 21.90 13.63 5.24
C ASN B 46 23.32 13.27 5.65
N VAL B 47 24.12 14.30 5.93
CA VAL B 47 25.53 14.15 6.25
C VAL B 47 25.73 13.71 7.69
N LYS B 48 24.94 14.27 8.60
CA LYS B 48 25.17 14.08 10.03
C LYS B 48 24.47 12.85 10.57
N CYS B 49 23.22 12.61 10.18
CA CYS B 49 22.47 11.45 10.63
C CYS B 49 21.81 10.76 9.43
N PRO B 50 22.61 10.19 8.53
CA PRO B 50 22.00 9.58 7.34
C PRO B 50 21.02 8.47 7.68
N GLN B 51 21.28 7.74 8.76
CA GLN B 51 20.41 6.62 9.12
C GLN B 51 19.04 7.08 9.62
N ILE B 52 18.98 8.24 10.29
CA ILE B 52 17.70 8.85 10.68
C ILE B 52 16.92 9.22 9.42
N VAL B 53 17.58 9.86 8.46
CA VAL B 53 16.91 10.24 7.23
C VAL B 53 16.41 9.01 6.51
N ILE B 54 17.24 7.97 6.42
CA ILE B 54 16.80 6.76 5.73
C ILE B 54 15.55 6.23 6.39
N ALA B 55 15.56 6.20 7.73
CA ALA B 55 14.43 5.70 8.49
C ALA B 55 13.18 6.50 8.16
N PHE B 56 13.30 7.82 8.08
CA PHE B 56 12.15 8.66 7.75
C PHE B 56 11.63 8.35 6.35
N TYR B 57 12.53 8.33 5.34
CA TYR B 57 12.10 8.14 3.96
C TYR B 57 11.59 6.72 3.77
N GLU B 58 12.22 5.76 4.44
CA GLU B 58 11.98 4.35 4.19
C GLU B 58 10.53 3.98 4.42
N GLU B 59 9.97 4.43 5.54
CA GLU B 59 8.57 4.17 5.88
C GLU B 59 7.63 4.74 4.83
N ARG B 60 7.92 5.93 4.32
CA ARG B 60 6.99 6.56 3.40
C ARG B 60 7.09 6.01 1.99
N LEU B 61 7.73 4.87 1.72
CA LEU B 61 7.87 4.42 0.34
C LEU B 61 6.60 3.74 -0.18
N THR B 62 6.24 4.07 -1.42
CA THR B 62 5.07 3.56 -2.12
C THR B 62 5.42 3.36 -3.59
N TRP B 63 4.61 2.58 -4.30
CA TRP B 63 4.79 2.41 -5.75
C TRP B 63 3.53 2.91 -6.44
N HIS B 64 3.71 3.80 -7.41
CA HIS B 64 2.57 4.43 -8.06
C HIS B 64 2.40 3.78 -9.42
N ALA B 65 1.28 4.10 -10.08
CA ALA B 65 0.89 3.48 -11.34
C ALA B 65 2.02 3.53 -12.38
N ARG C 1 9.39 -9.19 -10.91
CA ARG C 1 9.74 -8.23 -11.93
C ARG C 1 8.67 -7.13 -11.92
N GLN C 2 7.40 -7.49 -11.62
CA GLN C 2 6.36 -6.47 -11.70
C GLN C 2 6.54 -5.33 -10.70
N LEU C 3 7.17 -5.56 -9.53
CA LEU C 3 7.34 -4.42 -8.64
C LEU C 3 8.27 -3.30 -9.20
N SER C 4 8.88 -3.46 -10.39
CA SER C 4 9.61 -2.38 -11.06
C SER C 4 8.62 -1.35 -11.63
N ARG C 5 8.04 -0.56 -10.70
CA ARG C 5 7.06 0.47 -11.04
C ARG C 5 7.53 1.81 -10.50
N LYS C 6 6.60 2.77 -10.35
CA LYS C 6 6.93 4.17 -10.12
C LYS C 6 7.94 4.39 -9.00
N ALA C 7 7.66 3.88 -7.79
CA ALA C 7 8.53 4.11 -6.63
C ALA C 7 8.59 5.57 -6.18
N SER C 8 7.53 6.04 -5.51
CA SER C 8 7.45 7.38 -4.93
C SER C 8 7.59 7.29 -3.41
N VAL C 9 8.26 8.29 -2.84
CA VAL C 9 8.30 8.52 -1.40
C VAL C 9 7.24 9.57 -1.07
N LYS C 10 6.24 9.20 -0.28
CA LYS C 10 5.11 10.09 0.02
C LYS C 10 5.46 10.97 1.20
N VAL C 11 5.42 12.27 0.98
CA VAL C 11 5.78 13.28 1.95
C VAL C 11 4.68 14.35 2.01
N SER C 12 4.26 14.74 3.21
CA SER C 12 3.23 15.76 3.33
C SER C 12 3.63 16.88 4.29
N LYS C 13 3.10 18.07 4.01
CA LYS C 13 3.21 19.27 4.84
C LYS C 13 2.05 19.45 5.83
N THR C 14 1.17 18.45 6.00
CA THR C 14 -0.04 18.62 6.80
C THR C 14 0.25 18.97 8.25
N TRP C 15 1.48 18.73 8.74
CA TRP C 15 1.83 19.17 10.08
C TRP C 15 2.02 20.68 10.02
N SER C 16 2.56 21.28 11.08
CA SER C 16 2.72 22.76 11.10
C SER C 16 1.43 23.52 10.69
N GLU D 1 11.56 -25.13 -5.37
CA GLU D 1 10.34 -25.84 -5.77
C GLU D 1 9.20 -25.58 -4.78
N ILE D 2 9.56 -25.13 -3.58
CA ILE D 2 8.58 -24.93 -2.49
C ILE D 2 7.65 -23.79 -2.89
N ALA D 3 6.44 -24.12 -3.28
CA ALA D 3 5.60 -23.13 -3.94
C ALA D 3 4.34 -22.80 -3.16
N ARG D 4 4.49 -22.47 -1.86
CA ARG D 4 3.31 -22.21 -1.04
C ARG D 4 2.59 -20.97 -1.57
N GLY D 5 1.27 -21.06 -1.68
CA GLY D 5 0.44 -19.95 -2.10
C GLY D 5 -1.02 -20.33 -2.04
N PHE D 6 -1.78 -19.96 -3.07
CA PHE D 6 -3.12 -20.48 -3.20
C PHE D 6 -3.08 -21.98 -3.49
N GLU D 7 -1.94 -22.43 -4.04
CA GLU D 7 -1.65 -23.81 -4.40
C GLU D 7 -1.41 -24.72 -3.18
N ARG D 8 -1.14 -24.14 -2.01
CA ARG D 8 -0.98 -24.93 -0.79
C ARG D 8 -2.15 -25.87 -0.55
N GLY D 9 -3.27 -25.64 -1.22
CA GLY D 9 -4.39 -26.55 -1.22
C GLY D 9 -5.15 -26.66 0.09
N LEU D 10 -4.90 -25.77 1.04
CA LEU D 10 -5.67 -25.78 2.27
C LEU D 10 -6.93 -24.90 2.08
N GLU D 11 -7.96 -25.16 2.90
CA GLU D 11 -9.21 -24.41 2.80
C GLU D 11 -9.13 -23.04 3.49
N PRO D 12 -9.57 -21.97 2.80
CA PRO D 12 -9.51 -20.62 3.37
C PRO D 12 -10.49 -20.37 4.51
N GLU D 13 -10.01 -19.68 5.54
CA GLU D 13 -10.85 -19.25 6.66
C GLU D 13 -11.32 -17.81 6.45
N LYS D 14 -10.39 -16.86 6.43
CA LYS D 14 -10.73 -15.46 6.22
C LYS D 14 -9.52 -14.72 5.67
N ILE D 15 -9.78 -13.54 5.12
CA ILE D 15 -8.72 -12.66 4.66
C ILE D 15 -8.33 -11.77 5.81
N ILE D 16 -7.04 -11.73 6.11
CA ILE D 16 -6.55 -11.05 7.31
C ILE D 16 -5.77 -9.78 6.99
N GLY D 17 -5.44 -9.53 5.73
CA GLY D 17 -4.79 -8.30 5.33
C GLY D 17 -4.82 -8.16 3.82
N ALA D 18 -4.43 -6.97 3.35
CA ALA D 18 -4.39 -6.79 1.91
C ALA D 18 -3.34 -5.75 1.56
N THR D 19 -2.76 -5.92 0.37
CA THR D 19 -1.71 -5.05 -0.14
C THR D 19 -1.67 -5.13 -1.67
N ASP D 20 -1.51 -3.95 -2.29
CA ASP D 20 -1.31 -3.79 -3.72
C ASP D 20 0.04 -3.13 -4.07
N SER D 21 1.11 -3.34 -3.26
CA SER D 21 2.35 -2.60 -3.50
C SER D 21 2.94 -2.99 -4.84
N SER D 22 2.94 -4.28 -5.14
CA SER D 22 3.23 -4.73 -6.49
C SER D 22 2.07 -4.32 -7.37
N GLY D 23 2.30 -4.26 -8.66
CA GLY D 23 1.22 -3.83 -9.53
C GLY D 23 -0.10 -4.58 -9.38
N ASP D 24 -0.14 -5.69 -8.65
CA ASP D 24 -1.37 -6.44 -8.49
C ASP D 24 -1.78 -6.57 -7.03
N LEU D 25 -3.09 -6.54 -6.80
CA LEU D 25 -3.69 -6.56 -5.47
C LEU D 25 -3.70 -7.97 -4.91
N MET D 26 -3.24 -8.14 -3.68
CA MET D 26 -3.15 -9.47 -3.08
C MET D 26 -3.71 -9.49 -1.67
N PHE D 27 -4.37 -10.58 -1.30
CA PHE D 27 -4.89 -10.73 0.04
C PHE D 27 -3.95 -11.64 0.81
N LEU D 28 -3.73 -11.27 2.06
CA LEU D 28 -3.06 -12.14 3.02
C LEU D 28 -4.13 -13.10 3.51
N MET D 29 -4.10 -14.33 3.01
CA MET D 29 -5.13 -15.32 3.28
C MET D 29 -4.74 -16.19 4.48
N LYS D 30 -5.65 -16.24 5.47
CA LYS D 30 -5.55 -17.20 6.57
C LYS D 30 -6.30 -18.48 6.20
N TRP D 31 -5.67 -19.63 6.43
CA TRP D 31 -6.21 -20.95 6.13
C TRP D 31 -6.68 -21.66 7.41
N LYS D 32 -7.59 -22.63 7.26
CA LYS D 32 -8.12 -23.35 8.40
C LYS D 32 -7.07 -24.28 9.01
N ASP D 33 -6.95 -24.24 10.34
CA ASP D 33 -6.04 -25.15 11.07
C ASP D 33 -4.61 -25.06 10.56
N SER D 34 -4.19 -23.86 10.16
CA SER D 34 -2.80 -23.58 9.89
C SER D 34 -2.50 -22.20 10.46
N ASP D 35 -1.22 -21.95 10.74
CA ASP D 35 -0.77 -20.66 11.22
C ASP D 35 0.29 -20.07 10.31
N GLU D 36 0.45 -20.63 9.12
CA GLU D 36 1.24 -20.03 8.05
C GLU D 36 0.24 -19.37 7.10
N ALA D 37 0.20 -18.04 7.11
CA ALA D 37 -0.63 -17.27 6.18
C ALA D 37 0.24 -16.80 5.03
N ASP D 38 -0.30 -16.83 3.82
CA ASP D 38 0.49 -16.38 2.67
C ASP D 38 -0.36 -15.52 1.76
N LEU D 39 0.28 -14.97 0.74
CA LEU D 39 -0.40 -14.08 -0.19
C LEU D 39 -0.99 -14.89 -1.34
N VAL D 40 -2.14 -14.43 -1.81
CA VAL D 40 -2.80 -14.99 -2.98
C VAL D 40 -3.17 -13.82 -3.86
N LEU D 41 -3.11 -14.03 -5.17
CA LEU D 41 -3.58 -12.99 -6.07
C LEU D 41 -5.06 -12.75 -5.82
N ALA D 42 -5.45 -11.47 -5.81
CA ALA D 42 -6.84 -11.14 -5.50
C ALA D 42 -7.77 -11.72 -6.55
N LYS D 43 -7.40 -11.62 -7.84
CA LYS D 43 -8.25 -12.12 -8.90
C LYS D 43 -8.59 -13.59 -8.74
N GLU D 44 -7.67 -14.38 -8.17
CA GLU D 44 -7.98 -15.77 -7.91
C GLU D 44 -8.97 -15.91 -6.76
N ALA D 45 -8.70 -15.24 -5.63
CA ALA D 45 -9.59 -15.34 -4.48
C ALA D 45 -10.98 -14.84 -4.82
N ASN D 46 -11.07 -13.81 -5.67
CA ASN D 46 -12.38 -13.36 -6.14
C ASN D 46 -13.14 -14.51 -6.80
N VAL D 47 -12.45 -15.29 -7.64
CA VAL D 47 -13.11 -16.38 -8.37
C VAL D 47 -13.23 -17.65 -7.52
N LYS D 48 -12.26 -17.94 -6.66
CA LYS D 48 -12.30 -19.21 -5.94
C LYS D 48 -13.11 -19.17 -4.65
N CYS D 49 -13.00 -18.10 -3.85
CA CYS D 49 -13.75 -17.97 -2.59
C CYS D 49 -14.46 -16.61 -2.52
N PRO D 50 -15.46 -16.40 -3.37
CA PRO D 50 -16.09 -15.06 -3.44
C PRO D 50 -16.68 -14.58 -2.13
N GLN D 51 -17.24 -15.47 -1.31
CA GLN D 51 -17.83 -14.97 -0.06
C GLN D 51 -16.75 -14.61 0.95
N ILE D 52 -15.59 -15.28 0.89
CA ILE D 52 -14.48 -14.91 1.75
C ILE D 52 -13.98 -13.51 1.42
N VAL D 53 -13.91 -13.18 0.12
CA VAL D 53 -13.53 -11.83 -0.31
C VAL D 53 -14.58 -10.81 0.13
N ILE D 54 -15.85 -11.09 -0.16
CA ILE D 54 -16.94 -10.16 0.20
C ILE D 54 -16.99 -9.96 1.70
N ALA D 55 -16.79 -11.03 2.48
CA ALA D 55 -16.77 -10.89 3.93
C ALA D 55 -15.66 -9.94 4.38
N PHE D 56 -14.49 -10.00 3.73
CA PHE D 56 -13.38 -9.13 4.10
C PHE D 56 -13.77 -7.67 3.90
N TYR D 57 -14.39 -7.37 2.76
CA TYR D 57 -14.74 -6.00 2.42
C TYR D 57 -15.88 -5.43 3.29
N GLU D 58 -16.88 -6.25 3.63
CA GLU D 58 -18.07 -5.70 4.29
C GLU D 58 -17.74 -5.12 5.66
N GLU D 59 -17.10 -5.92 6.51
CA GLU D 59 -16.32 -5.35 7.59
C GLU D 59 -15.27 -4.49 6.92
N ARG D 60 -14.91 -3.35 7.52
CA ARG D 60 -13.98 -2.37 6.90
C ARG D 60 -14.59 -1.37 5.94
N LEU D 61 -15.90 -1.20 5.83
CA LEU D 61 -16.36 -0.23 4.85
C LEU D 61 -16.79 1.04 5.59
N THR D 62 -16.52 2.19 4.99
CA THR D 62 -16.70 3.50 5.61
C THR D 62 -17.38 4.44 4.60
N TRP D 63 -17.92 5.58 5.08
CA TRP D 63 -18.65 6.48 4.19
C TRP D 63 -18.09 7.89 4.11
N HIS D 64 -17.81 8.35 2.88
CA HIS D 64 -17.30 9.69 2.61
C HIS D 64 -18.39 10.49 1.90
N ALA D 65 -18.17 11.80 1.78
CA ALA D 65 -19.22 12.67 1.25
C ALA D 65 -19.08 12.91 -0.25
N GLU E 1 -48.01 -4.96 -6.17
CA GLU E 1 -47.10 -3.90 -6.56
C GLU E 1 -45.64 -4.35 -6.42
N ILE E 2 -45.46 -5.67 -6.27
CA ILE E 2 -44.14 -6.24 -6.02
C ILE E 2 -43.33 -6.32 -7.33
N ALA E 3 -43.88 -5.76 -8.42
CA ALA E 3 -43.39 -5.98 -9.78
C ALA E 3 -42.12 -5.17 -10.10
N ARG E 4 -41.08 -5.39 -9.31
CA ARG E 4 -39.84 -4.58 -9.36
C ARG E 4 -38.83 -5.20 -8.40
N GLY E 5 -37.54 -4.88 -8.61
CA GLY E 5 -36.48 -5.34 -7.73
C GLY E 5 -35.54 -6.30 -8.47
N PHE E 6 -35.15 -7.38 -7.79
CA PHE E 6 -34.51 -8.46 -8.54
C PHE E 6 -35.48 -9.16 -9.47
N GLU E 7 -36.79 -9.07 -9.20
CA GLU E 7 -37.79 -9.74 -10.03
C GLU E 7 -37.83 -9.18 -11.44
N ARG E 8 -37.35 -7.95 -11.65
CA ARG E 8 -37.32 -7.36 -12.98
C ARG E 8 -36.64 -8.27 -13.98
N GLY E 9 -35.93 -9.29 -13.50
CA GLY E 9 -35.40 -10.37 -14.31
C GLY E 9 -34.31 -9.99 -15.27
N LEU E 10 -33.74 -8.80 -15.13
CA LEU E 10 -32.64 -8.39 -15.98
C LEU E 10 -31.31 -8.85 -15.39
N GLU E 11 -30.30 -8.92 -16.24
CA GLU E 11 -28.95 -9.31 -15.83
C GLU E 11 -28.25 -8.14 -15.15
N PRO E 12 -27.67 -8.33 -13.96
CA PRO E 12 -27.01 -7.21 -13.29
C PRO E 12 -25.77 -6.78 -14.06
N GLU E 13 -25.63 -5.47 -14.28
CA GLU E 13 -24.44 -4.94 -14.92
C GLU E 13 -23.43 -4.43 -13.89
N LYS E 14 -23.81 -3.42 -13.11
CA LYS E 14 -22.91 -2.88 -12.09
C LYS E 14 -23.71 -2.24 -10.96
N ILE E 15 -23.03 -2.07 -9.85
CA ILE E 15 -23.53 -1.40 -8.65
C ILE E 15 -23.17 0.07 -8.71
N ILE E 16 -24.11 0.95 -8.38
CA ILE E 16 -23.87 2.37 -8.56
C ILE E 16 -23.57 3.06 -7.23
N GLY E 17 -24.09 2.54 -6.12
CA GLY E 17 -23.86 3.10 -4.80
C GLY E 17 -24.43 2.17 -3.76
N ALA E 18 -24.23 2.55 -2.50
CA ALA E 18 -24.74 1.74 -1.39
C ALA E 18 -25.18 2.66 -0.24
N THR E 19 -26.05 2.15 0.63
CA THR E 19 -26.56 2.99 1.72
C THR E 19 -27.04 2.16 2.90
N ASP E 20 -26.74 2.65 4.11
CA ASP E 20 -27.23 2.09 5.36
C ASP E 20 -28.53 2.75 5.78
N SER E 21 -29.18 3.44 4.84
CA SER E 21 -30.27 4.36 5.18
C SER E 21 -31.53 3.67 5.65
N SER E 22 -31.98 2.65 4.91
CA SER E 22 -33.16 1.96 5.43
C SER E 22 -32.88 1.14 6.67
N GLY E 23 -31.68 1.23 7.25
CA GLY E 23 -31.27 0.38 8.35
C GLY E 23 -30.66 -0.95 7.91
N ASP E 24 -30.83 -1.31 6.65
CA ASP E 24 -30.19 -2.49 6.08
C ASP E 24 -29.46 -2.06 4.82
N LEU E 25 -28.36 -2.77 4.54
CA LEU E 25 -27.47 -2.39 3.45
C LEU E 25 -28.05 -2.78 2.10
N MET E 26 -28.04 -1.82 1.17
CA MET E 26 -28.63 -2.03 -0.15
C MET E 26 -27.72 -1.46 -1.24
N PHE E 27 -27.68 -2.13 -2.39
CA PHE E 27 -26.93 -1.64 -3.55
C PHE E 27 -27.91 -1.05 -4.55
N LEU E 28 -27.55 0.08 -5.14
CA LEU E 28 -28.30 0.59 -6.30
C LEU E 28 -27.76 -0.09 -7.56
N MET E 29 -28.52 -1.05 -8.08
CA MET E 29 -28.09 -1.89 -9.18
C MET E 29 -28.55 -1.36 -10.53
N LYS E 30 -27.59 -1.16 -11.44
CA LYS E 30 -27.91 -0.91 -12.84
C LYS E 30 -28.02 -2.23 -13.57
N TRP E 31 -29.05 -2.37 -14.39
CA TRP E 31 -29.26 -3.62 -15.11
C TRP E 31 -28.82 -3.50 -16.55
N LYS E 32 -28.44 -4.64 -17.12
CA LYS E 32 -27.86 -4.67 -18.47
C LYS E 32 -28.91 -4.42 -19.54
N ASP E 33 -28.51 -3.60 -20.53
CA ASP E 33 -29.36 -3.17 -21.65
C ASP E 33 -30.60 -2.45 -21.16
N SER E 34 -30.50 -1.83 -20.00
CA SER E 34 -31.50 -0.89 -19.50
C SER E 34 -30.79 0.24 -18.78
N ASP E 35 -31.49 1.36 -18.68
CA ASP E 35 -30.99 2.53 -17.96
C ASP E 35 -31.96 2.97 -16.87
N GLU E 36 -32.87 2.09 -16.47
CA GLU E 36 -33.63 2.28 -15.23
C GLU E 36 -32.98 1.43 -14.14
N ALA E 37 -32.31 2.07 -13.19
CA ALA E 37 -31.67 1.38 -12.07
C ALA E 37 -32.54 1.47 -10.83
N ASP E 38 -32.59 0.38 -10.06
CA ASP E 38 -33.34 0.36 -8.81
C ASP E 38 -32.48 -0.29 -7.74
N LEU E 39 -33.02 -0.36 -6.53
CA LEU E 39 -32.30 -0.84 -5.35
C LEU E 39 -32.44 -2.34 -5.20
N VAL E 40 -31.39 -2.95 -4.66
CA VAL E 40 -31.37 -4.37 -4.36
C VAL E 40 -30.83 -4.59 -2.96
N LEU E 41 -31.38 -5.57 -2.26
CA LEU E 41 -30.86 -5.95 -0.95
C LEU E 41 -29.43 -6.47 -1.08
N ALA E 42 -28.57 -6.08 -0.15
CA ALA E 42 -27.17 -6.48 -0.24
C ALA E 42 -26.98 -7.99 -0.13
N LYS E 43 -27.64 -8.62 0.86
CA LYS E 43 -27.45 -10.05 1.09
C LYS E 43 -27.83 -10.88 -0.13
N GLU E 44 -28.79 -10.40 -0.93
CA GLU E 44 -29.13 -11.08 -2.18
C GLU E 44 -28.03 -10.90 -3.21
N ALA E 45 -27.51 -9.68 -3.37
CA ALA E 45 -26.49 -9.44 -4.38
C ALA E 45 -25.22 -10.25 -4.10
N ASN E 46 -24.87 -10.41 -2.81
CA ASN E 46 -23.71 -11.23 -2.45
C ASN E 46 -23.88 -12.66 -2.97
N VAL E 47 -25.07 -13.22 -2.80
CA VAL E 47 -25.34 -14.61 -3.19
C VAL E 47 -25.69 -14.72 -4.68
N LYS E 48 -26.34 -13.72 -5.26
CA LYS E 48 -26.80 -13.87 -6.64
C LYS E 48 -25.75 -13.47 -7.66
N CYS E 49 -25.07 -12.33 -7.48
CA CYS E 49 -24.02 -11.89 -8.43
C CYS E 49 -22.76 -11.44 -7.69
N PRO E 50 -22.10 -12.34 -6.95
CA PRO E 50 -20.97 -11.90 -6.12
C PRO E 50 -19.87 -11.22 -6.90
N GLN E 51 -19.70 -11.52 -8.19
CA GLN E 51 -18.63 -10.84 -8.92
C GLN E 51 -18.95 -9.37 -9.14
N ILE E 52 -20.23 -9.01 -9.31
CA ILE E 52 -20.60 -7.60 -9.40
C ILE E 52 -20.37 -6.92 -8.06
N VAL E 53 -20.75 -7.58 -6.96
CA VAL E 53 -20.52 -7.00 -5.64
C VAL E 53 -19.05 -6.78 -5.38
N ILE E 54 -18.23 -7.80 -5.65
CA ILE E 54 -16.79 -7.71 -5.39
C ILE E 54 -16.17 -6.59 -6.21
N ALA E 55 -16.54 -6.48 -7.47
CA ALA E 55 -15.98 -5.42 -8.31
C ALA E 55 -16.28 -4.05 -7.73
N PHE E 56 -17.49 -3.87 -7.20
CA PHE E 56 -17.88 -2.59 -6.61
C PHE E 56 -17.01 -2.24 -5.41
N TYR E 57 -16.85 -3.18 -4.47
CA TYR E 57 -16.05 -2.91 -3.29
C TYR E 57 -14.58 -2.75 -3.65
N GLU E 58 -14.09 -3.58 -4.57
CA GLU E 58 -12.67 -3.60 -4.85
C GLU E 58 -12.19 -2.24 -5.32
N GLU E 59 -12.94 -1.63 -6.25
CA GLU E 59 -12.57 -0.33 -6.79
C GLU E 59 -12.43 0.74 -5.73
N ARG E 60 -12.74 0.41 -4.48
CA ARG E 60 -12.81 1.43 -3.45
C ARG E 60 -11.97 1.08 -2.23
N LEU E 61 -11.10 0.08 -2.32
CA LEU E 61 -10.29 -0.33 -1.19
C LEU E 61 -9.15 0.66 -0.98
N THR E 62 -8.85 0.99 0.27
CA THR E 62 -7.77 1.93 0.46
C THR E 62 -7.08 1.73 1.80
N TRP E 63 -5.90 2.33 1.89
CA TRP E 63 -5.07 2.56 3.08
C TRP E 63 -4.79 4.06 2.95
N HIS E 64 -4.86 4.86 4.01
CA HIS E 64 -5.03 6.26 3.60
C HIS E 64 -3.77 7.16 3.63
N ALA E 65 -3.92 8.41 3.17
CA ALA E 65 -3.35 9.61 3.86
C ALA E 65 -4.29 10.88 3.73
N ARG F 1 3.83 0.59 3.93
CA ARG F 1 3.86 -0.73 4.59
C ARG F 1 2.41 -1.03 4.86
N GLN F 2 1.66 -0.97 3.76
CA GLN F 2 0.21 -1.02 3.80
C GLN F 2 -0.31 -2.37 4.30
N LEU F 3 0.41 -3.47 4.09
CA LEU F 3 -0.02 -4.71 4.70
C LEU F 3 0.09 -4.50 6.22
N SER F 4 -0.58 -5.32 7.01
CA SER F 4 -0.53 -5.15 8.47
C SER F 4 -1.15 -3.82 8.91
N ARG F 5 -1.77 -3.11 7.98
CA ARG F 5 -2.44 -1.85 8.21
C ARG F 5 -3.88 -2.03 7.80
N LYS F 6 -4.80 -1.61 8.66
CA LYS F 6 -6.20 -1.83 8.35
C LYS F 6 -6.59 -1.08 7.08
N ALA F 7 -7.30 -1.77 6.22
CA ALA F 7 -7.76 -1.23 4.96
C ALA F 7 -9.22 -0.81 5.09
N SER F 8 -9.59 0.28 4.44
CA SER F 8 -10.97 0.78 4.38
C SER F 8 -11.51 0.69 2.96
N VAL F 9 -12.79 0.37 2.83
CA VAL F 9 -13.52 0.56 1.58
C VAL F 9 -14.25 1.88 1.68
N LYS F 10 -13.89 2.85 0.85
CA LYS F 10 -14.51 4.17 0.93
C LYS F 10 -15.69 4.19 -0.03
N VAL F 11 -16.87 4.41 0.55
CA VAL F 11 -18.17 4.36 -0.11
C VAL F 11 -18.75 5.75 0.03
N SER F 12 -19.34 6.27 -1.03
CA SER F 12 -19.95 7.58 -0.96
C SER F 12 -21.38 7.48 -0.41
N LYS F 13 -21.81 8.52 0.32
CA LYS F 13 -23.17 8.50 0.85
C LYS F 13 -24.14 8.99 -0.21
N THR F 14 -23.80 10.03 -0.95
CA THR F 14 -24.72 10.59 -1.93
C THR F 14 -24.86 9.71 -3.16
N TRP F 15 -23.75 9.31 -3.78
CA TRP F 15 -23.78 8.68 -5.10
C TRP F 15 -22.68 7.61 -5.13
N SER F 16 -22.26 7.22 -6.34
CA SER F 16 -21.20 6.23 -6.58
C SER F 16 -19.94 6.38 -5.74
O1 F6Z G . 9.11 -13.76 -8.23
C1 F6Z G . 9.86 -12.95 -7.71
C2 F6Z G . 10.08 -11.48 -7.85
C3 F6Z G . 9.87 -10.64 -8.91
C4 F6Z G . 10.20 -9.29 -8.78
O2 F6Z G . 10.72 -13.25 -6.72
C5 F6Z G . 10.69 -12.20 -5.66
C6 F6Z G . 12.02 -12.24 -4.94
C7 F6Z G . 13.19 -11.66 -5.47
C8 F6Z G . 14.40 -11.71 -4.85
C9 F6Z G . 14.52 -12.42 -3.65
O3 F6Z G . 15.74 -12.46 -3.08
C11 F6Z G . 13.41 -13.03 -3.11
C12 F6Z G . 12.18 -12.94 -3.76
O4 F6Z G . 11.15 -13.57 -3.17
C13 F6Z G . 9.90 -13.46 -3.65
C14 F6Z G . 8.93 -14.08 -2.88
C15 F6Z G . 7.61 -14.06 -3.26
O5 F6Z G . 6.65 -14.66 -2.53
C16 F6Z G . 7.25 -13.41 -4.43
C17 F6Z G . 8.22 -12.78 -5.16
C18 F6Z G . 9.57 -12.76 -4.79
C19 F6Z G . 10.56 -11.01 -6.62
C20 F6Z G . 10.89 -9.67 -6.46
C21 F6Z G . 10.70 -8.83 -7.54
O6 F6Z G . 10.52 -7.21 -9.79
C25 F6Z G . 9.98 -8.33 -9.94
O1 F6Z H . -0.77 4.56 4.04
C1 F6Z H . 0.22 5.22 3.84
C2 F6Z H . 1.56 4.78 3.46
C3 F6Z H . 2.06 3.49 3.56
C4 F6Z H . 3.34 3.28 3.19
O2 F6Z H . 0.35 6.56 3.99
C5 F6Z H . 1.33 7.13 3.04
C6 F6Z H . 1.90 8.44 3.59
C7 F6Z H . 2.81 8.48 4.66
C8 F6Z H . 3.31 9.65 5.17
C9 F6Z H . 2.91 10.87 4.62
O3 F6Z H . 3.46 11.96 5.20
C11 F6Z H . 2.03 10.90 3.57
C12 F6Z H . 1.54 9.69 3.08
O4 F6Z H . 0.69 9.82 2.04
C13 F6Z H . 0.21 8.74 1.40
C14 F6Z H . -0.60 9.02 0.30
C15 F6Z H . -1.18 7.97 -0.40
O5 F6Z H . -1.98 8.13 -1.46
C16 F6Z H . -0.93 6.66 -0.01
C17 F6Z H . -0.12 6.42 1.07
C18 F6Z H . 0.48 7.43 1.81
C19 F6Z H . 2.26 5.89 2.99
C20 F6Z H . 3.57 5.68 2.61
C21 F6Z H . 4.07 4.37 2.72
O6 F6Z H . 5.12 1.80 3.16
C25 F6Z H . 3.90 1.87 3.29
#